data_9BZQ
#
_entry.id   9BZQ
#
_cell.length_a   36.223
_cell.length_b   79.463
_cell.length_c   42.939
_cell.angle_alpha   90.000
_cell.angle_beta   108.170
_cell.angle_gamma   90.000
#
_symmetry.space_group_name_H-M   'P 1 21 1'
#
loop_
_entity.id
_entity.type
_entity.pdbx_description
1 polymer 'class A Beta-lactamase, PenP superfamily'
2 non-polymer (2S,5R)-1-formyl-5-[(sulfooxy)amino]piperidine-2-carboxamide
3 non-polymer 'SUCCINIC ACID'
4 non-polymer 'FORMIC ACID'
5 non-polymer 1,2-ETHANEDIOL
6 water water
#
_entity_poly.entity_id   1
_entity_poly.type   'polypeptide(L)'
_entity_poly.pdbx_seq_one_letter_code
;SNAAAQAQRQLALLEQRHGVRLGVQVHDRDSDRAFSHRADERFPMCSTFKLLAAGAVLARADRGDDSLRRLIRYGAADIV
AYSPVTGPRQAEGMTLEQLCEAAVTRSDNTAGNLLLSTLGGPPGLTAYARGLGDRMTRLDRIETALNEARPGDPRDTTTP
AAMAGNLQRLLLGDALQSASRQRLADWLLASQTGDTRLRAGLPAGWRIGDKTGAGGHGTNNDIGVIWPRDGAPVLISAYL
TQSSASREAQNAVLAEVGRIAAHAVAAWRLGS
;
_entity_poly.pdbx_strand_id   A
#
# COMPACT_ATOMS: atom_id res chain seq x y z
N ASN A 2 23.63 -15.85 -5.09
CA ASN A 2 22.77 -15.55 -3.95
C ASN A 2 21.94 -14.32 -4.30
N ALA A 3 20.78 -14.57 -4.92
CA ALA A 3 19.97 -13.47 -5.42
C ALA A 3 19.47 -12.56 -4.31
N ALA A 4 19.13 -13.13 -3.15
CA ALA A 4 18.64 -12.29 -2.06
C ALA A 4 19.75 -11.37 -1.55
N ALA A 5 20.96 -11.89 -1.37
CA ALA A 5 22.06 -11.06 -0.92
C ALA A 5 22.37 -9.97 -1.95
N GLN A 6 22.33 -10.31 -3.23
CA GLN A 6 22.61 -9.29 -4.25
C GLN A 6 21.53 -8.21 -4.27
N ALA A 7 20.26 -8.58 -4.12
CA ALA A 7 19.20 -7.60 -4.06
C ALA A 7 19.38 -6.68 -2.85
N GLN A 8 19.76 -7.24 -1.70
CA GLN A 8 19.94 -6.42 -0.51
C GLN A 8 21.11 -5.45 -0.68
N ARG A 9 22.19 -5.90 -1.31
N ARG A 9 22.19 -5.90 -1.31
CA ARG A 9 23.29 -4.98 -1.61
CA ARG A 9 23.29 -4.99 -1.61
C ARG A 9 22.84 -3.88 -2.56
C ARG A 9 22.85 -3.89 -2.57
N GLN A 10 22.05 -4.24 -3.58
CA GLN A 10 21.56 -3.24 -4.52
C GLN A 10 20.68 -2.21 -3.82
N LEU A 11 19.80 -2.66 -2.91
CA LEU A 11 18.99 -1.72 -2.14
C LEU A 11 19.85 -0.79 -1.31
N ALA A 12 20.89 -1.34 -0.66
CA ALA A 12 21.74 -0.51 0.19
C ALA A 12 22.45 0.57 -0.62
N LEU A 13 22.95 0.22 -1.81
CA LEU A 13 23.61 1.20 -2.66
C LEU A 13 22.63 2.26 -3.15
N LEU A 14 21.43 1.83 -3.56
CA LEU A 14 20.39 2.75 -4.01
C LEU A 14 20.02 3.74 -2.92
N GLU A 15 19.83 3.23 -1.71
CA GLU A 15 19.50 4.08 -0.57
C GLU A 15 20.59 5.11 -0.33
N GLN A 16 21.85 4.67 -0.34
CA GLN A 16 22.94 5.57 -0.01
C GLN A 16 23.10 6.65 -1.08
N ARG A 17 23.00 6.29 -2.36
N ARG A 17 23.00 6.28 -2.36
CA ARG A 17 23.25 7.29 -3.39
CA ARG A 17 23.19 7.24 -3.44
C ARG A 17 22.15 8.35 -3.47
C ARG A 17 22.20 8.39 -3.33
N HIS A 18 20.98 8.09 -2.88
CA HIS A 18 19.90 9.08 -2.87
C HIS A 18 19.69 9.73 -1.50
N GLY A 19 20.50 9.38 -0.50
CA GLY A 19 20.39 10.01 0.81
C GLY A 19 19.06 9.81 1.50
N VAL A 20 18.46 8.64 1.33
CA VAL A 20 17.14 8.36 1.88
C VAL A 20 17.25 7.30 2.97
N ARG A 21 16.14 7.07 3.65
CA ARG A 21 15.94 5.88 4.46
C ARG A 21 14.89 5.05 3.74
N LEU A 22 15.29 3.84 3.33
CA LEU A 22 14.49 3.00 2.44
C LEU A 22 14.20 1.68 3.13
N GLY A 23 12.92 1.33 3.21
CA GLY A 23 12.50 0.08 3.83
C GLY A 23 11.76 -0.78 2.83
N VAL A 24 12.23 -2.01 2.62
CA VAL A 24 11.67 -2.89 1.61
C VAL A 24 11.53 -4.30 2.18
N GLN A 25 10.39 -4.93 1.89
CA GLN A 25 10.23 -6.36 2.10
C GLN A 25 9.67 -6.97 0.82
N VAL A 26 10.29 -8.04 0.34
CA VAL A 26 9.82 -8.80 -0.80
C VAL A 26 9.70 -10.26 -0.39
N HIS A 27 8.60 -10.90 -0.77
CA HIS A 27 8.44 -12.34 -0.52
C HIS A 27 7.77 -12.96 -1.74
N ASP A 28 8.52 -13.82 -2.44
CA ASP A 28 8.01 -14.53 -3.60
C ASP A 28 7.26 -15.78 -3.15
N ARG A 29 5.96 -15.86 -3.45
CA ARG A 29 5.22 -17.05 -3.07
C ARG A 29 5.61 -18.26 -3.91
N ASP A 30 6.22 -18.06 -5.07
CA ASP A 30 6.57 -19.19 -5.92
C ASP A 30 7.72 -19.97 -5.31
N SER A 31 8.88 -19.33 -5.20
CA SER A 31 10.06 -19.92 -4.59
C SER A 31 10.03 -19.91 -3.07
N ASP A 32 9.12 -19.14 -2.46
CA ASP A 32 9.06 -18.92 -1.02
C ASP A 32 10.24 -18.11 -0.48
N ARG A 33 11.05 -17.51 -1.36
N ARG A 33 11.06 -17.53 -1.35
CA ARG A 33 12.22 -16.75 -0.97
CA ARG A 33 12.21 -16.76 -0.89
C ARG A 33 11.84 -15.30 -0.66
C ARG A 33 11.82 -15.32 -0.60
N ALA A 34 12.71 -14.63 0.12
CA ALA A 34 12.46 -13.26 0.54
C ALA A 34 13.77 -12.48 0.58
N PHE A 35 13.64 -11.15 0.49
CA PHE A 35 14.75 -10.26 0.82
C PHE A 35 14.19 -8.99 1.42
N SER A 36 15.05 -8.24 2.11
CA SER A 36 14.54 -7.07 2.82
C SER A 36 15.66 -6.08 3.10
N HIS A 37 15.24 -4.87 3.47
CA HIS A 37 16.14 -3.81 3.94
C HIS A 37 15.33 -2.97 4.91
N ARG A 38 15.83 -2.82 6.14
CA ARG A 38 15.12 -2.08 7.19
C ARG A 38 13.68 -2.56 7.36
N ALA A 39 13.48 -3.88 7.21
CA ALA A 39 12.11 -4.40 7.18
C ALA A 39 11.38 -4.24 8.50
N ASP A 40 12.08 -4.04 9.60
CA ASP A 40 11.44 -3.89 10.90
C ASP A 40 11.46 -2.46 11.42
N GLU A 41 11.92 -1.50 10.64
CA GLU A 41 11.86 -0.11 11.04
C GLU A 41 10.51 0.49 10.68
N ARG A 42 10.13 1.53 11.42
CA ARG A 42 8.87 2.22 11.17
C ARG A 42 9.02 3.26 10.06
N PHE A 43 7.98 3.36 9.23
CA PHE A 43 7.85 4.34 8.17
C PHE A 43 6.42 4.87 8.15
N PRO A 44 6.21 6.12 7.73
CA PRO A 44 4.84 6.66 7.65
C PRO A 44 4.04 5.94 6.57
N MET A 45 2.82 5.53 6.91
CA MET A 45 1.97 4.86 5.92
C MET A 45 1.52 5.80 4.81
N CYS A 46 1.16 7.02 5.16
CA CYS A 46 0.47 7.94 4.25
C CYS A 46 -0.68 7.20 3.59
N SER A 47 -0.87 7.38 2.28
CA SER A 47 -2.04 6.80 1.61
C SER A 47 -2.08 5.28 1.65
N THR A 48 -0.96 4.61 1.98
CA THR A 48 -1.00 3.15 1.99
C THR A 48 -1.94 2.59 3.04
N PHE A 49 -2.34 3.37 4.04
CA PHE A 49 -3.32 2.86 5.01
C PHE A 49 -4.62 2.48 4.34
N LYS A 50 -4.92 3.08 3.18
CA LYS A 50 -6.18 2.85 2.50
C LYS A 50 -6.33 1.39 2.08
N LEU A 51 -5.22 0.68 1.84
CA LEU A 51 -5.31 -0.75 1.56
C LEU A 51 -5.90 -1.48 2.76
N LEU A 52 -5.40 -1.18 3.97
CA LEU A 52 -5.93 -1.81 5.17
C LEU A 52 -7.36 -1.38 5.45
N ALA A 53 -7.67 -0.10 5.23
CA ALA A 53 -9.05 0.34 5.46
C ALA A 53 -10.03 -0.38 4.57
N ALA A 54 -9.69 -0.55 3.28
CA ALA A 54 -10.55 -1.32 2.38
C ALA A 54 -10.64 -2.77 2.82
N GLY A 55 -9.51 -3.36 3.24
CA GLY A 55 -9.55 -4.72 3.75
C GLY A 55 -10.50 -4.87 4.93
N ALA A 56 -10.47 -3.91 5.86
CA ALA A 56 -11.32 -3.98 7.04
C ALA A 56 -12.80 -3.85 6.66
N VAL A 57 -13.12 -2.99 5.69
CA VAL A 57 -14.49 -2.86 5.22
C VAL A 57 -14.95 -4.15 4.54
N LEU A 58 -14.11 -4.74 3.70
CA LEU A 58 -14.45 -6.00 3.05
C LEU A 58 -14.65 -7.11 4.08
N ALA A 59 -13.82 -7.15 5.12
CA ALA A 59 -13.97 -8.19 6.13
C ALA A 59 -15.28 -8.03 6.87
N ARG A 60 -15.65 -6.78 7.15
CA ARG A 60 -16.96 -6.53 7.76
C ARG A 60 -18.07 -6.99 6.83
N ALA A 61 -17.96 -6.71 5.53
CA ALA A 61 -18.96 -7.18 4.57
C ALA A 61 -19.04 -8.70 4.56
N ASP A 62 -17.88 -9.37 4.61
CA ASP A 62 -17.84 -10.83 4.64
C ASP A 62 -18.64 -11.39 5.81
N ARG A 63 -18.53 -10.74 6.97
CA ARG A 63 -19.19 -11.20 8.19
C ARG A 63 -20.62 -10.70 8.32
N GLY A 64 -21.06 -9.80 7.45
CA GLY A 64 -22.34 -9.17 7.63
C GLY A 64 -22.35 -8.07 8.66
N ASP A 65 -21.18 -7.55 9.04
CA ASP A 65 -21.13 -6.41 9.95
C ASP A 65 -21.28 -5.09 9.23
N ASP A 66 -21.18 -5.08 7.91
CA ASP A 66 -21.52 -3.92 7.09
C ASP A 66 -21.84 -4.44 5.70
N SER A 67 -22.18 -3.52 4.80
CA SER A 67 -22.59 -3.89 3.45
C SER A 67 -21.90 -2.97 2.44
N LEU A 68 -21.31 -3.58 1.40
CA LEU A 68 -20.72 -2.77 0.34
C LEU A 68 -21.76 -1.92 -0.37
N ARG A 69 -23.03 -2.27 -0.29
CA ARG A 69 -24.07 -1.53 -0.98
C ARG A 69 -24.67 -0.41 -0.13
N ARG A 70 -24.21 -0.25 1.11
CA ARG A 70 -24.75 0.81 1.96
C ARG A 70 -24.35 2.19 1.45
N LEU A 71 -25.33 3.08 1.33
CA LEU A 71 -25.11 4.45 0.86
C LEU A 71 -24.63 5.32 2.02
N ILE A 72 -23.48 5.96 1.85
CA ILE A 72 -22.92 6.86 2.85
C ILE A 72 -23.17 8.28 2.39
N ARG A 73 -23.83 9.07 3.23
CA ARG A 73 -24.00 10.49 2.96
C ARG A 73 -22.92 11.26 3.69
N TYR A 74 -22.50 12.38 3.09
CA TYR A 74 -21.44 13.19 3.67
C TYR A 74 -21.60 14.60 3.11
N GLY A 75 -20.93 15.55 3.75
CA GLY A 75 -21.12 16.95 3.45
C GLY A 75 -19.90 17.60 2.81
N ALA A 76 -20.13 18.78 2.25
CA ALA A 76 -19.03 19.59 1.75
C ALA A 76 -17.99 19.83 2.82
N ALA A 77 -18.41 19.90 4.09
CA ALA A 77 -17.50 20.12 5.20
C ALA A 77 -16.51 18.97 5.38
N ASP A 78 -16.81 17.78 4.85
CA ASP A 78 -15.96 16.62 5.03
C ASP A 78 -14.89 16.47 3.95
N ILE A 79 -14.90 17.32 2.94
CA ILE A 79 -13.99 17.16 1.82
C ILE A 79 -12.61 17.68 2.19
N VAL A 80 -11.59 16.86 1.97
CA VAL A 80 -10.20 17.24 2.20
C VAL A 80 -9.45 17.17 0.88
N ALA A 81 -8.21 17.67 0.90
CA ALA A 81 -7.38 17.70 -0.28
C ALA A 81 -7.25 16.33 -0.92
N TYR A 82 -7.12 16.31 -2.25
CA TYR A 82 -6.91 15.10 -3.04
C TYR A 82 -8.09 14.13 -2.91
N SER A 83 -9.27 14.64 -3.22
CA SER A 83 -10.51 13.87 -3.19
C SER A 83 -11.25 14.01 -4.51
N PRO A 84 -10.66 13.53 -5.61
CA PRO A 84 -11.23 13.79 -6.94
C PRO A 84 -12.52 13.03 -7.22
N VAL A 85 -12.81 11.96 -6.48
CA VAL A 85 -14.05 11.20 -6.68
C VAL A 85 -15.14 11.67 -5.72
N THR A 86 -14.81 11.75 -4.42
CA THR A 86 -15.82 12.08 -3.42
C THR A 86 -16.28 13.53 -3.52
N GLY A 87 -15.39 14.45 -3.89
CA GLY A 87 -15.76 15.85 -3.98
C GLY A 87 -16.96 16.08 -4.88
N PRO A 88 -16.86 15.67 -6.15
CA PRO A 88 -17.97 15.92 -7.08
C PRO A 88 -19.24 15.16 -6.76
N ARG A 89 -19.15 14.06 -6.02
N ARG A 89 -19.16 14.05 -6.02
CA ARG A 89 -20.31 13.22 -5.74
CA ARG A 89 -20.30 13.20 -5.72
C ARG A 89 -20.91 13.49 -4.37
C ARG A 89 -20.93 13.51 -4.37
N GLN A 90 -20.48 14.55 -3.70
CA GLN A 90 -20.86 14.79 -2.30
C GLN A 90 -22.38 14.82 -2.08
N ALA A 91 -23.11 15.57 -2.92
CA ALA A 91 -24.53 15.76 -2.66
C ALA A 91 -25.32 14.45 -2.73
N GLU A 92 -24.91 13.52 -3.60
N GLU A 92 -24.91 13.52 -3.60
CA GLU A 92 -25.60 12.26 -3.77
CA GLU A 92 -25.63 12.26 -3.74
C GLU A 92 -25.12 11.18 -2.80
C GLU A 92 -25.12 11.18 -2.80
N GLY A 93 -23.92 11.33 -2.25
CA GLY A 93 -23.32 10.29 -1.44
C GLY A 93 -22.74 9.19 -2.31
N MET A 94 -22.10 8.23 -1.65
CA MET A 94 -21.48 7.12 -2.35
C MET A 94 -21.64 5.85 -1.53
N THR A 95 -21.71 4.70 -2.20
CA THR A 95 -21.79 3.46 -1.44
C THR A 95 -20.41 3.08 -0.90
N LEU A 96 -20.42 2.16 0.07
CA LEU A 96 -19.16 1.71 0.65
C LEU A 96 -18.25 1.09 -0.41
N GLU A 97 -18.80 0.32 -1.35
CA GLU A 97 -17.93 -0.22 -2.40
C GLU A 97 -17.35 0.88 -3.27
N GLN A 98 -18.14 1.90 -3.60
CA GLN A 98 -17.62 3.02 -4.38
C GLN A 98 -16.54 3.76 -3.62
N LEU A 99 -16.69 3.88 -2.29
CA LEU A 99 -15.68 4.55 -1.47
C LEU A 99 -14.42 3.72 -1.36
N CYS A 100 -14.55 2.40 -1.20
CA CYS A 100 -13.37 1.55 -1.20
C CYS A 100 -12.59 1.69 -2.50
N GLU A 101 -13.30 1.66 -3.63
CA GLU A 101 -12.65 1.81 -4.92
C GLU A 101 -11.98 3.17 -5.03
N ALA A 102 -12.67 4.23 -4.61
CA ALA A 102 -12.10 5.57 -4.71
C ALA A 102 -10.83 5.68 -3.86
N ALA A 103 -10.87 5.11 -2.64
CA ALA A 103 -9.70 5.17 -1.77
C ALA A 103 -8.53 4.36 -2.33
N VAL A 104 -8.80 3.16 -2.84
CA VAL A 104 -7.72 2.27 -3.26
C VAL A 104 -7.25 2.60 -4.68
N THR A 105 -8.18 2.66 -5.63
CA THR A 105 -7.78 2.86 -7.02
C THR A 105 -7.31 4.30 -7.27
N ARG A 106 -7.95 5.28 -6.65
CA ARG A 106 -7.68 6.69 -6.93
C ARG A 106 -7.03 7.44 -5.77
N SER A 107 -6.78 6.77 -4.64
N SER A 107 -6.75 6.76 -4.65
CA SER A 107 -6.13 7.39 -3.48
CA SER A 107 -6.13 7.38 -3.47
C SER A 107 -6.95 8.53 -2.90
C SER A 107 -6.95 8.56 -2.94
N ASP A 108 -8.28 8.48 -3.07
CA ASP A 108 -9.14 9.58 -2.63
C ASP A 108 -9.08 9.73 -1.11
N ASN A 109 -8.73 10.94 -0.65
CA ASN A 109 -8.50 11.15 0.78
C ASN A 109 -9.79 11.17 1.58
N THR A 110 -10.81 11.89 1.12
CA THR A 110 -12.09 11.88 1.83
C THR A 110 -12.67 10.47 1.85
N ALA A 111 -12.50 9.71 0.77
CA ALA A 111 -12.95 8.32 0.77
C ALA A 111 -12.28 7.54 1.90
N GLY A 112 -10.96 7.72 2.06
CA GLY A 112 -10.27 7.08 3.16
C GLY A 112 -10.84 7.46 4.52
N ASN A 113 -11.12 8.75 4.72
CA ASN A 113 -11.72 9.20 5.98
C ASN A 113 -13.11 8.60 6.18
N LEU A 114 -13.91 8.51 5.11
CA LEU A 114 -15.23 7.93 5.25
C LEU A 114 -15.15 6.45 5.60
N LEU A 115 -14.20 5.72 5.02
CA LEU A 115 -14.01 4.33 5.44
C LEU A 115 -13.67 4.26 6.92
N LEU A 116 -12.75 5.10 7.37
CA LEU A 116 -12.39 5.12 8.79
C LEU A 116 -13.60 5.39 9.67
N SER A 117 -14.53 6.24 9.21
CA SER A 117 -15.70 6.58 10.01
C SER A 117 -16.63 5.39 10.22
N THR A 118 -16.48 4.33 9.43
CA THR A 118 -17.26 3.11 9.62
C THR A 118 -16.54 2.07 10.47
N LEU A 119 -15.27 2.30 10.78
CA LEU A 119 -14.41 1.32 11.45
C LEU A 119 -14.09 1.68 12.88
N GLY A 120 -14.62 2.79 13.39
CA GLY A 120 -14.19 3.29 14.67
C GLY A 120 -12.98 4.19 14.60
N GLY A 121 -12.75 4.85 13.46
CA GLY A 121 -11.67 5.81 13.34
C GLY A 121 -10.31 5.14 13.31
N PRO A 122 -9.26 5.94 13.44
CA PRO A 122 -7.90 5.37 13.48
C PRO A 122 -7.75 4.28 14.53
N PRO A 123 -8.38 4.39 15.71
CA PRO A 123 -8.28 3.26 16.66
C PRO A 123 -8.82 1.96 16.09
N GLY A 124 -9.87 2.03 15.29
CA GLY A 124 -10.43 0.83 14.70
C GLY A 124 -9.52 0.23 13.64
N LEU A 125 -8.83 1.09 12.88
CA LEU A 125 -7.87 0.56 11.91
C LEU A 125 -6.72 -0.13 12.61
N THR A 126 -6.22 0.47 13.70
CA THR A 126 -5.17 -0.16 14.49
C THR A 126 -5.63 -1.51 15.03
N ALA A 127 -6.84 -1.56 15.60
CA ALA A 127 -7.39 -2.82 16.11
C ALA A 127 -7.48 -3.86 15.00
N TYR A 128 -7.87 -3.44 13.80
CA TYR A 128 -7.93 -4.35 12.66
C TYR A 128 -6.55 -4.93 12.35
N ALA A 129 -5.52 -4.09 12.35
CA ALA A 129 -4.17 -4.59 12.11
C ALA A 129 -3.77 -5.62 13.18
N ARG A 130 -4.07 -5.33 14.45
CA ARG A 130 -3.78 -6.30 15.50
C ARG A 130 -4.46 -7.63 15.24
N GLY A 131 -5.72 -7.60 14.78
CA GLY A 131 -6.44 -8.83 14.47
C GLY A 131 -5.83 -9.64 13.35
N LEU A 132 -5.08 -9.00 12.45
CA LEU A 132 -4.33 -9.66 11.40
C LEU A 132 -2.99 -10.21 11.87
N GLY A 133 -2.67 -10.06 13.16
CA GLY A 133 -1.39 -10.49 13.67
C GLY A 133 -0.30 -9.45 13.54
N ASP A 134 -0.64 -8.23 13.16
CA ASP A 134 0.32 -7.15 12.97
C ASP A 134 0.40 -6.38 14.29
N ARG A 135 1.54 -6.49 14.98
CA ARG A 135 1.72 -5.85 16.27
C ARG A 135 2.39 -4.48 16.17
N MET A 136 2.71 -4.02 14.97
CA MET A 136 3.43 -2.76 14.79
C MET A 136 2.60 -1.63 14.23
N THR A 137 1.76 -1.89 13.22
CA THR A 137 1.10 -0.80 12.52
C THR A 137 0.15 -0.07 13.44
N ARG A 138 0.12 1.26 13.32
CA ARG A 138 -0.83 2.06 14.08
C ARG A 138 -1.27 3.25 13.25
N LEU A 139 -2.57 3.49 13.23
CA LEU A 139 -3.11 4.73 12.69
C LEU A 139 -3.65 5.57 13.84
N ASP A 140 -3.37 6.86 13.80
CA ASP A 140 -3.65 7.77 14.90
C ASP A 140 -4.41 9.00 14.45
N ARG A 141 -4.20 9.43 13.21
CA ARG A 141 -4.81 10.63 12.69
C ARG A 141 -5.60 10.31 11.42
N ILE A 142 -6.41 11.27 10.97
CA ILE A 142 -7.16 11.12 9.74
C ILE A 142 -6.50 11.90 8.60
N GLU A 143 -7.04 11.82 7.39
CA GLU A 143 -6.48 12.60 6.30
C GLU A 143 -6.80 14.08 6.49
N THR A 144 -5.83 14.95 6.21
CA THR A 144 -4.48 14.68 5.72
C THR A 144 -3.41 14.81 6.81
N ALA A 145 -3.85 15.00 8.06
CA ALA A 145 -2.92 15.12 9.18
C ALA A 145 -1.96 13.94 9.27
N LEU A 146 -2.41 12.75 8.87
CA LEU A 146 -1.59 11.55 9.03
C LEU A 146 -0.35 11.54 8.14
N ASN A 147 -0.22 12.48 7.20
CA ASN A 147 0.91 12.48 6.27
C ASN A 147 2.11 13.27 6.76
N GLU A 148 2.10 13.74 8.02
CA GLU A 148 3.16 14.63 8.49
C GLU A 148 4.53 13.99 8.33
N ALA A 149 4.65 12.70 8.68
CA ALA A 149 5.85 11.91 8.41
C ALA A 149 7.08 12.42 9.15
N ARG A 150 6.90 12.95 10.36
CA ARG A 150 8.04 13.45 11.13
C ARG A 150 8.95 12.30 11.52
N PRO A 151 10.26 12.40 11.28
CA PRO A 151 11.16 11.33 11.72
C PRO A 151 11.05 11.09 13.22
N GLY A 152 11.04 9.79 13.58
CA GLY A 152 10.91 9.38 14.96
C GLY A 152 9.49 9.32 15.49
N ASP A 153 8.53 9.90 14.79
CA ASP A 153 7.16 9.94 15.27
C ASP A 153 6.54 8.57 15.04
N PRO A 154 6.01 7.90 16.08
CA PRO A 154 5.37 6.60 15.86
C PRO A 154 4.01 6.69 15.22
N ARG A 155 3.36 7.85 15.22
CA ARG A 155 1.98 7.93 14.76
C ARG A 155 1.90 7.57 13.28
N ASP A 156 0.86 6.82 12.93
CA ASP A 156 0.52 6.59 11.52
C ASP A 156 1.65 5.85 10.78
N THR A 157 2.29 4.91 11.45
CA THR A 157 3.39 4.17 10.88
C THR A 157 3.07 2.69 10.72
N THR A 158 3.85 2.06 9.84
CA THR A 158 3.90 0.61 9.68
C THR A 158 5.37 0.20 9.58
N THR A 159 5.63 -1.07 9.36
CA THR A 159 6.96 -1.51 8.95
C THR A 159 6.84 -2.25 7.63
N PRO A 160 7.91 -2.30 6.83
CA PRO A 160 7.80 -3.04 5.56
C PRO A 160 7.40 -4.49 5.76
N ALA A 161 7.96 -5.16 6.77
CA ALA A 161 7.61 -6.56 7.01
C ALA A 161 6.18 -6.70 7.51
N ALA A 162 5.74 -5.81 8.41
CA ALA A 162 4.38 -5.96 8.93
C ALA A 162 3.36 -5.76 7.80
N MET A 163 3.61 -4.76 6.95
CA MET A 163 2.67 -4.49 5.87
C MET A 163 2.69 -5.61 4.83
N ALA A 164 3.86 -6.20 4.56
CA ALA A 164 3.91 -7.33 3.64
C ALA A 164 3.12 -8.51 4.20
N GLY A 165 3.19 -8.72 5.52
CA GLY A 165 2.36 -9.75 6.14
C GLY A 165 0.88 -9.49 5.94
N ASN A 166 0.46 -8.23 6.08
CA ASN A 166 -0.94 -7.89 5.85
C ASN A 166 -1.35 -8.15 4.41
N LEU A 167 -0.50 -7.77 3.46
CA LEU A 167 -0.80 -8.03 2.06
C LEU A 167 -0.99 -9.53 1.81
N GLN A 168 -0.13 -10.34 2.42
CA GLN A 168 -0.26 -11.78 2.27
C GLN A 168 -1.59 -12.28 2.81
N ARG A 169 -1.95 -11.87 4.03
CA ARG A 169 -3.19 -12.36 4.62
C ARG A 169 -4.40 -11.91 3.81
N LEU A 170 -4.39 -10.67 3.33
CA LEU A 170 -5.54 -10.10 2.65
C LEU A 170 -5.70 -10.63 1.24
N LEU A 171 -4.62 -10.67 0.46
CA LEU A 171 -4.74 -10.99 -0.95
C LEU A 171 -4.51 -12.46 -1.26
N LEU A 172 -3.74 -13.15 -0.42
CA LEU A 172 -3.35 -14.53 -0.71
C LEU A 172 -3.74 -15.51 0.39
N GLY A 173 -4.10 -15.03 1.58
CA GLY A 173 -4.41 -15.89 2.70
C GLY A 173 -5.89 -15.90 2.99
N ASP A 174 -6.26 -16.08 4.27
CA ASP A 174 -7.64 -16.32 4.63
C ASP A 174 -8.30 -15.15 5.36
N ALA A 175 -7.70 -13.96 5.32
CA ALA A 175 -8.30 -12.82 6.00
C ALA A 175 -9.57 -12.33 5.33
N LEU A 176 -9.74 -12.62 4.03
CA LEU A 176 -10.94 -12.27 3.29
C LEU A 176 -11.50 -13.52 2.63
N GLN A 177 -12.81 -13.52 2.42
CA GLN A 177 -13.42 -14.55 1.59
C GLN A 177 -13.02 -14.33 0.13
N SER A 178 -13.26 -15.35 -0.71
CA SER A 178 -12.76 -15.34 -2.07
C SER A 178 -13.24 -14.13 -2.86
N ALA A 179 -14.54 -13.81 -2.77
CA ALA A 179 -15.07 -12.69 -3.55
C ALA A 179 -14.44 -11.37 -3.12
N SER A 180 -14.23 -11.17 -1.82
CA SER A 180 -13.63 -9.94 -1.35
C SER A 180 -12.16 -9.85 -1.71
N ARG A 181 -11.46 -10.97 -1.63
CA ARG A 181 -10.07 -11.03 -2.07
C ARG A 181 -9.95 -10.57 -3.51
N GLN A 182 -10.88 -11.00 -4.36
CA GLN A 182 -10.83 -10.59 -5.77
C GLN A 182 -11.16 -9.11 -5.93
N ARG A 183 -12.14 -8.60 -5.18
CA ARG A 183 -12.48 -7.18 -5.28
C ARG A 183 -11.27 -6.31 -4.93
N LEU A 184 -10.57 -6.66 -3.85
CA LEU A 184 -9.41 -5.87 -3.45
C LEU A 184 -8.32 -5.94 -4.50
N ALA A 185 -8.04 -7.14 -5.00
CA ALA A 185 -7.06 -7.28 -6.07
C ALA A 185 -7.44 -6.43 -7.28
N ASP A 186 -8.72 -6.43 -7.65
CA ASP A 186 -9.17 -5.66 -8.79
C ASP A 186 -8.97 -4.16 -8.57
N TRP A 187 -9.31 -3.66 -7.38
CA TRP A 187 -9.12 -2.24 -7.10
C TRP A 187 -7.65 -1.84 -7.17
N LEU A 188 -6.76 -2.71 -6.66
CA LEU A 188 -5.33 -2.44 -6.72
C LEU A 188 -4.80 -2.51 -8.15
N LEU A 189 -5.22 -3.52 -8.91
CA LEU A 189 -4.74 -3.68 -10.28
C LEU A 189 -5.22 -2.58 -11.21
N ALA A 190 -6.35 -1.94 -10.88
CA ALA A 190 -6.88 -0.87 -11.70
C ALA A 190 -6.23 0.48 -11.42
N SER A 191 -5.39 0.57 -10.40
N SER A 191 -5.42 0.60 -10.38
CA SER A 191 -4.79 1.85 -10.04
CA SER A 191 -4.87 1.90 -10.02
C SER A 191 -3.75 2.26 -11.07
C SER A 191 -3.74 2.31 -10.95
N GLN A 192 -3.70 3.57 -11.34
N GLN A 192 -3.73 3.59 -11.33
CA GLN A 192 -2.67 4.21 -12.15
CA GLN A 192 -2.68 4.19 -12.15
C GLN A 192 -1.73 5.08 -11.33
C GLN A 192 -1.76 5.10 -11.35
N THR A 193 -2.03 5.29 -10.06
CA THR A 193 -1.28 6.26 -9.27
C THR A 193 0.19 5.88 -9.10
N GLY A 194 0.53 4.60 -9.31
CA GLY A 194 1.90 4.15 -9.22
C GLY A 194 2.57 3.83 -10.53
N ASP A 195 2.07 4.41 -11.64
CA ASP A 195 2.63 4.12 -12.95
C ASP A 195 4.12 4.43 -13.05
N THR A 196 4.62 5.42 -12.31
CA THR A 196 6.03 5.76 -12.34
C THR A 196 6.81 5.22 -11.15
N ARG A 197 6.18 4.38 -10.33
CA ARG A 197 6.80 3.81 -9.15
C ARG A 197 7.09 2.33 -9.40
N LEU A 198 6.69 1.40 -8.53
CA LEU A 198 7.11 0.00 -8.71
C LEU A 198 6.78 -0.54 -10.10
N ARG A 199 5.58 -0.23 -10.61
CA ARG A 199 5.15 -0.75 -11.90
C ARG A 199 6.12 -0.40 -13.02
N ALA A 200 6.75 0.78 -12.96
CA ALA A 200 7.67 1.19 -14.02
C ALA A 200 8.91 0.31 -14.07
N GLY A 201 9.21 -0.41 -13.00
CA GLY A 201 10.35 -1.29 -12.98
C GLY A 201 10.06 -2.73 -13.34
N LEU A 202 8.81 -3.05 -13.74
CA LEU A 202 8.50 -4.46 -13.94
C LEU A 202 8.66 -4.87 -15.40
N PRO A 203 9.07 -6.12 -15.63
CA PRO A 203 9.11 -6.63 -17.00
C PRO A 203 7.75 -6.63 -17.66
N ALA A 204 7.76 -6.54 -18.99
CA ALA A 204 6.54 -6.62 -19.79
C ALA A 204 5.78 -7.91 -19.49
N GLY A 205 4.46 -7.78 -19.39
CA GLY A 205 3.63 -8.92 -19.06
C GLY A 205 3.52 -9.21 -17.60
N TRP A 206 4.30 -8.55 -16.74
CA TRP A 206 4.07 -8.62 -15.31
C TRP A 206 3.08 -7.54 -14.93
N ARG A 207 2.30 -7.81 -13.89
CA ARG A 207 1.33 -6.86 -13.37
C ARG A 207 1.58 -6.61 -11.89
N ILE A 208 1.18 -5.44 -11.41
CA ILE A 208 1.19 -5.17 -9.98
C ILE A 208 -0.13 -4.53 -9.58
N GLY A 209 -0.74 -5.04 -8.52
CA GLY A 209 -1.83 -4.35 -7.87
C GLY A 209 -1.23 -3.65 -6.67
N ASP A 210 -1.14 -2.33 -6.71
CA ASP A 210 -0.37 -1.61 -5.70
C ASP A 210 -1.19 -0.48 -5.11
N LYS A 211 -0.74 -0.02 -3.93
CA LYS A 211 -1.25 1.17 -3.28
C LYS A 211 -0.09 2.10 -2.98
N THR A 212 -0.10 3.27 -3.62
CA THR A 212 0.92 4.28 -3.44
C THR A 212 0.66 5.14 -2.21
N GLY A 213 1.66 5.92 -1.83
CA GLY A 213 1.47 6.99 -0.87
C GLY A 213 2.58 8.01 -0.97
N ALA A 214 2.33 9.18 -0.38
CA ALA A 214 3.33 10.24 -0.36
C ALA A 214 3.03 11.17 0.81
N GLY A 215 4.08 11.69 1.44
CA GLY A 215 3.89 12.56 2.58
C GLY A 215 5.01 13.55 2.80
N GLY A 216 5.04 14.19 3.97
CA GLY A 216 6.08 15.13 4.31
C GLY A 216 7.43 14.46 4.49
N HIS A 217 8.45 15.29 4.68
CA HIS A 217 9.81 14.81 4.90
C HIS A 217 10.28 13.87 3.79
N GLY A 218 9.90 14.18 2.55
CA GLY A 218 10.32 13.38 1.41
C GLY A 218 9.93 11.92 1.50
N THR A 219 8.67 11.67 1.86
CA THR A 219 8.14 10.32 2.03
C THR A 219 7.37 9.90 0.78
N ASN A 220 7.62 8.68 0.31
CA ASN A 220 7.00 8.21 -0.92
C ASN A 220 7.01 6.69 -0.86
N ASN A 221 5.82 6.08 -1.01
CA ASN A 221 5.65 4.66 -0.71
C ASN A 221 4.91 3.95 -1.84
N ASP A 222 5.13 2.64 -1.93
CA ASP A 222 4.36 1.82 -2.84
C ASP A 222 4.38 0.39 -2.33
N ILE A 223 3.20 -0.19 -2.15
CA ILE A 223 3.07 -1.56 -1.63
C ILE A 223 2.09 -2.32 -2.51
N GLY A 224 2.23 -3.64 -2.58
CA GLY A 224 1.25 -4.38 -3.33
C GLY A 224 1.66 -5.82 -3.59
N VAL A 225 0.99 -6.40 -4.58
CA VAL A 225 1.21 -7.77 -5.01
C VAL A 225 1.56 -7.75 -6.49
N ILE A 226 2.69 -8.39 -6.83
CA ILE A 226 3.10 -8.55 -8.22
C ILE A 226 2.61 -9.90 -8.72
N TRP A 227 1.99 -9.90 -9.89
CA TRP A 227 1.63 -11.14 -10.58
C TRP A 227 2.55 -11.26 -11.79
N PRO A 228 3.61 -12.06 -11.73
CA PRO A 228 4.56 -12.13 -12.85
C PRO A 228 3.97 -12.82 -14.06
N ARG A 229 4.70 -12.70 -15.18
CA ARG A 229 4.29 -13.33 -16.43
C ARG A 229 4.12 -14.84 -16.25
N ASP A 230 5.06 -15.50 -15.56
CA ASP A 230 5.00 -16.95 -15.36
C ASP A 230 5.50 -17.28 -13.96
N GLY A 231 4.68 -16.94 -12.96
CA GLY A 231 5.01 -17.26 -11.60
C GLY A 231 3.86 -16.94 -10.67
N ALA A 232 3.93 -17.51 -9.47
CA ALA A 232 2.99 -17.22 -8.40
C ALA A 232 3.17 -15.77 -7.92
N PRO A 233 2.26 -15.26 -7.10
CA PRO A 233 2.34 -13.84 -6.71
C PRO A 233 3.53 -13.53 -5.81
N VAL A 234 3.90 -12.26 -5.79
CA VAL A 234 5.04 -11.76 -5.02
C VAL A 234 4.55 -10.59 -4.17
N LEU A 235 4.75 -10.68 -2.85
CA LEU A 235 4.44 -9.57 -1.96
C LEU A 235 5.59 -8.57 -2.00
N ILE A 236 5.25 -7.28 -2.06
CA ILE A 236 6.27 -6.24 -2.03
C ILE A 236 5.78 -5.03 -1.23
N SER A 237 6.61 -4.57 -0.31
CA SER A 237 6.33 -3.31 0.38
C SER A 237 7.57 -2.43 0.29
N ALA A 238 7.37 -1.18 -0.12
CA ALA A 238 8.48 -0.26 -0.31
C ALA A 238 8.13 1.08 0.31
N TYR A 239 8.90 1.50 1.31
CA TYR A 239 8.70 2.76 2.02
C TYR A 239 9.97 3.58 1.91
N LEU A 240 9.87 4.79 1.38
CA LEU A 240 11.00 5.68 1.23
C LEU A 240 10.72 6.95 2.00
N THR A 241 11.70 7.44 2.75
CA THR A 241 11.51 8.69 3.49
C THR A 241 12.84 9.43 3.59
N GLN A 242 12.76 10.70 4.00
CA GLN A 242 13.91 11.60 4.17
C GLN A 242 14.56 12.03 2.86
N SER A 243 13.83 11.96 1.75
CA SER A 243 14.37 12.44 0.48
C SER A 243 14.40 13.96 0.46
N SER A 244 15.49 14.51 -0.06
CA SER A 244 15.59 15.93 -0.34
C SER A 244 15.34 16.24 -1.81
N ALA A 245 14.94 15.24 -2.60
CA ALA A 245 14.80 15.37 -4.04
C ALA A 245 13.33 15.60 -4.41
N SER A 246 13.11 15.85 -5.70
CA SER A 246 11.76 16.06 -6.21
C SER A 246 10.92 14.78 -6.12
N ARG A 247 9.60 14.95 -6.25
CA ARG A 247 8.72 13.80 -6.28
C ARG A 247 9.08 12.84 -7.41
N GLU A 248 9.42 13.39 -8.58
CA GLU A 248 9.76 12.54 -9.72
C GLU A 248 11.02 11.73 -9.43
N ALA A 249 11.99 12.34 -8.75
CA ALA A 249 13.20 11.60 -8.40
C ALA A 249 12.89 10.50 -7.39
N GLN A 250 12.01 10.79 -6.42
CA GLN A 250 11.59 9.75 -5.48
C GLN A 250 10.90 8.61 -6.20
N ASN A 251 10.00 8.92 -7.14
CA ASN A 251 9.32 7.87 -7.88
C ASN A 251 10.31 6.98 -8.60
N ALA A 252 11.36 7.57 -9.17
CA ALA A 252 12.37 6.79 -9.89
C ALA A 252 13.12 5.84 -8.98
N VAL A 253 13.35 6.23 -7.73
CA VAL A 253 13.94 5.30 -6.77
C VAL A 253 13.03 4.08 -6.57
N LEU A 254 11.72 4.31 -6.43
CA LEU A 254 10.80 3.19 -6.26
C LEU A 254 10.74 2.32 -7.52
N ALA A 255 10.81 2.93 -8.71
CA ALA A 255 10.89 2.14 -9.93
C ALA A 255 12.11 1.21 -9.90
N GLU A 256 13.24 1.72 -9.41
CA GLU A 256 14.43 0.88 -9.31
C GLU A 256 14.26 -0.24 -8.29
N VAL A 257 13.57 0.03 -7.18
CA VAL A 257 13.19 -1.07 -6.27
C VAL A 257 12.43 -2.15 -7.03
N GLY A 258 11.50 -1.73 -7.90
CA GLY A 258 10.76 -2.69 -8.70
C GLY A 258 11.66 -3.53 -9.59
N ARG A 259 12.68 -2.90 -10.18
CA ARG A 259 13.61 -3.64 -11.02
C ARG A 259 14.44 -4.62 -10.20
N ILE A 260 14.90 -4.19 -9.02
CA ILE A 260 15.66 -5.06 -8.13
C ILE A 260 14.83 -6.27 -7.74
N ALA A 261 13.57 -6.03 -7.35
CA ALA A 261 12.68 -7.12 -6.95
C ALA A 261 12.41 -8.08 -8.11
N ALA A 262 12.10 -7.54 -9.29
CA ALA A 262 11.77 -8.40 -10.42
C ALA A 262 12.97 -9.25 -10.82
N HIS A 263 14.18 -8.68 -10.76
CA HIS A 263 15.34 -9.49 -11.08
C HIS A 263 15.52 -10.63 -10.09
N ALA A 264 15.35 -10.36 -8.79
CA ALA A 264 15.50 -11.42 -7.80
C ALA A 264 14.49 -12.54 -8.04
N VAL A 265 13.23 -12.17 -8.29
CA VAL A 265 12.19 -13.16 -8.57
C VAL A 265 12.56 -13.98 -9.81
N ALA A 266 13.02 -13.31 -10.87
CA ALA A 266 13.41 -14.04 -12.08
C ALA A 266 14.58 -14.97 -11.82
N ALA A 267 15.54 -14.53 -11.00
CA ALA A 267 16.71 -15.35 -10.70
C ALA A 267 16.32 -16.58 -9.89
N TRP A 268 15.45 -16.40 -8.89
CA TRP A 268 14.93 -17.55 -8.15
C TRP A 268 14.23 -18.53 -9.08
N ARG A 269 13.49 -18.00 -10.07
CA ARG A 269 12.74 -18.86 -10.98
C ARG A 269 13.67 -19.65 -11.90
N LEU A 270 14.75 -19.01 -12.38
CA LEU A 270 15.71 -19.68 -13.24
C LEU A 270 16.67 -20.57 -12.48
N GLY A 271 16.77 -20.43 -11.16
CA GLY A 271 17.80 -21.11 -10.41
C GLY A 271 19.19 -20.53 -10.59
N SER A 272 19.28 -19.24 -10.88
CA SER A 272 20.55 -18.58 -11.16
C SER A 272 21.51 -18.69 -9.99
#